data_2ZW6
#
_entry.id   2ZW6
#
_cell.length_a   100.910
_cell.length_b   100.910
_cell.length_c   164.230
_cell.angle_alpha   90.00
_cell.angle_beta   90.00
_cell.angle_gamma   120.00
#
_symmetry.space_group_name_H-M   'P 31 2 1'
#
loop_
_entity.id
_entity.type
_entity.pdbx_description
1 polymer 'Bleomycin acetyltransferase'
2 non-polymer 'SULFATE ION'
3 water water
#
_entity_poly.entity_id   1
_entity_poly.type   'polypeptide(L)'
_entity_poly.pdbx_seq_one_letter_code
;MTEHPRAHTAHLRTARLELTPLDPAADARHLHHAYGDEEVMRWWTRPACADPAETERYLTSCAAAPGARLWTIRAPDGTV
PGMAGLLGGTDVPGLTWLLRRDSWGHGYATEAAAAVVGHALEDGGLDRVEAWIEAGNRRSLAVAARVGLTERARLAQHYP
HRPGPHEMVVLGKARAEEPLTTLAVITELPVRDVAATLRLVEAALGARTAFAIGDPPEFAEAALTPWSAGPRFRLAAVPG
PGPVEPVRLHLDAAGTADSLHRRAVDAGARVDGPPVRRPWGRSEFVITLPEGHELTVSAPV
;
_entity_poly.pdbx_strand_id   A,B
#
loop_
_chem_comp.id
_chem_comp.type
_chem_comp.name
_chem_comp.formula
SO4 non-polymer 'SULFATE ION' 'O4 S -2'
#
# COMPACT_ATOMS: atom_id res chain seq x y z
N PRO A 5 -4.31 -6.69 30.59
CA PRO A 5 -3.01 -7.32 30.64
C PRO A 5 -3.07 -8.53 31.53
N ARG A 6 -2.26 -8.42 32.59
CA ARG A 6 -2.05 -9.42 33.62
C ARG A 6 -0.96 -10.44 33.48
N ALA A 7 -1.35 -11.69 33.73
CA ALA A 7 -0.48 -12.86 33.72
C ALA A 7 0.42 -13.10 32.52
N HIS A 8 0.04 -14.04 31.67
CA HIS A 8 0.83 -14.46 30.52
C HIS A 8 0.84 -15.95 30.79
N THR A 9 1.99 -16.34 31.34
CA THR A 9 2.37 -17.69 31.74
C THR A 9 2.92 -18.48 30.57
N ALA A 10 2.37 -18.22 29.40
CA ALA A 10 2.74 -18.92 28.18
C ALA A 10 4.20 -18.78 27.71
N HIS A 11 4.76 -19.92 27.28
CA HIS A 11 6.13 -20.01 26.78
C HIS A 11 6.04 -20.49 25.33
N LEU A 12 6.47 -19.66 24.38
CA LEU A 12 6.43 -20.07 22.96
C LEU A 12 7.69 -20.82 22.56
N ARG A 13 7.51 -22.08 22.17
CA ARG A 13 8.62 -22.93 21.77
C ARG A 13 8.57 -23.25 20.27
N THR A 14 9.66 -22.97 19.56
CA THR A 14 9.77 -23.22 18.12
C THR A 14 10.91 -24.18 17.79
N ALA A 15 11.12 -24.38 16.50
CA ALA A 15 12.15 -25.27 15.99
C ALA A 15 13.50 -25.17 16.70
N ARG A 16 14.05 -23.96 16.81
CA ARG A 16 15.35 -23.79 17.46
C ARG A 16 15.30 -22.70 18.50
N LEU A 17 14.11 -22.37 18.98
CA LEU A 17 14.02 -21.30 19.95
C LEU A 17 13.06 -21.54 21.10
N GLU A 18 13.21 -20.70 22.11
CA GLU A 18 12.33 -20.74 23.26
C GLU A 18 12.02 -19.29 23.51
N LEU A 19 10.74 -19.00 23.69
CA LEU A 19 10.29 -17.65 23.95
C LEU A 19 9.79 -17.62 25.37
N THR A 20 10.50 -16.92 26.24
CA THR A 20 10.12 -16.84 27.63
C THR A 20 9.59 -15.45 27.95
N PRO A 21 8.45 -15.38 28.66
CA PRO A 21 7.88 -14.08 29.02
C PRO A 21 8.98 -13.16 29.53
N LEU A 22 9.20 -12.06 28.82
CA LEU A 22 10.23 -11.10 29.17
C LEU A 22 10.25 -10.68 30.64
N ASP A 23 11.46 -10.61 31.20
CA ASP A 23 11.67 -10.22 32.59
C ASP A 23 12.72 -9.12 32.54
N PRO A 24 12.28 -7.86 32.50
CA PRO A 24 13.20 -6.74 32.43
C PRO A 24 14.49 -6.98 33.19
N ALA A 25 14.46 -6.73 34.50
CA ALA A 25 15.63 -6.91 35.33
C ALA A 25 16.50 -8.10 34.90
N ALA A 26 15.87 -9.27 34.81
CA ALA A 26 16.58 -10.49 34.45
C ALA A 26 17.37 -10.43 33.14
N ASP A 27 16.64 -10.25 32.04
CA ASP A 27 17.21 -10.22 30.71
C ASP A 27 17.91 -8.95 30.23
N ALA A 28 17.42 -7.79 30.67
CA ALA A 28 17.99 -6.51 30.28
C ALA A 28 19.47 -6.54 29.89
N ARG A 29 20.30 -7.16 30.71
CA ARG A 29 21.73 -7.23 30.42
C ARG A 29 21.97 -7.72 29.00
N HIS A 30 21.30 -8.81 28.64
CA HIS A 30 21.42 -9.40 27.32
C HIS A 30 20.77 -8.54 26.24
N LEU A 31 19.50 -8.21 26.45
CA LEU A 31 18.75 -7.39 25.51
C LEU A 31 19.38 -6.05 25.25
N HIS A 32 20.26 -5.61 26.15
CA HIS A 32 20.89 -4.33 25.94
C HIS A 32 21.78 -4.38 24.71
N HIS A 33 22.15 -5.59 24.30
CA HIS A 33 22.99 -5.75 23.13
C HIS A 33 22.21 -5.24 21.91
N ALA A 34 20.90 -5.29 22.02
CA ALA A 34 20.04 -4.82 20.93
C ALA A 34 19.67 -3.36 21.16
N TYR A 35 18.91 -3.11 22.23
CA TYR A 35 18.45 -1.76 22.55
C TYR A 35 19.55 -0.71 22.74
N GLY A 36 20.76 -1.17 23.05
CA GLY A 36 21.86 -0.25 23.24
C GLY A 36 22.65 -0.05 21.96
N ASP A 37 22.28 -0.78 20.92
CA ASP A 37 22.95 -0.70 19.62
C ASP A 37 22.44 0.42 18.73
N GLU A 38 23.29 1.39 18.46
CA GLU A 38 22.90 2.51 17.60
C GLU A 38 22.41 2.00 16.26
N GLU A 39 23.20 1.12 15.66
CA GLU A 39 22.85 0.53 14.38
C GLU A 39 21.50 -0.14 14.46
N VAL A 40 21.40 -1.14 15.33
CA VAL A 40 20.15 -1.87 15.52
C VAL A 40 18.93 -0.99 15.86
N MET A 41 19.18 0.17 16.45
CA MET A 41 18.08 1.06 16.84
C MET A 41 17.82 2.23 15.90
N ARG A 42 18.46 2.24 14.74
CA ARG A 42 18.28 3.33 13.78
C ARG A 42 16.85 3.36 13.22
N TRP A 43 16.16 2.23 13.33
CA TRP A 43 14.80 2.14 12.84
C TRP A 43 13.76 2.20 13.94
N TRP A 44 14.21 2.24 15.19
CA TRP A 44 13.32 2.28 16.36
C TRP A 44 12.66 3.63 16.66
N THR A 45 11.62 3.59 17.50
CA THR A 45 10.86 4.76 17.88
C THR A 45 11.55 5.72 18.87
N ARG A 46 12.74 5.34 19.34
CA ARG A 46 13.50 6.18 20.26
C ARG A 46 14.97 5.82 20.14
N PRO A 47 15.89 6.70 20.58
CA PRO A 47 17.32 6.41 20.49
C PRO A 47 17.74 5.17 21.27
N ALA A 48 19.00 4.79 21.13
CA ALA A 48 19.49 3.62 21.85
C ALA A 48 19.63 3.97 23.31
N CYS A 49 19.54 2.96 24.16
CA CYS A 49 19.67 3.12 25.59
C CYS A 49 21.13 3.31 25.94
N ALA A 50 21.41 4.31 26.78
CA ALA A 50 22.77 4.62 27.18
C ALA A 50 23.46 3.43 27.85
N ASP A 51 22.69 2.66 28.61
CA ASP A 51 23.22 1.52 29.33
C ASP A 51 22.11 0.53 29.67
N PRO A 52 22.48 -0.64 30.20
CA PRO A 52 21.48 -1.66 30.55
C PRO A 52 20.40 -1.13 31.49
N ALA A 53 20.80 -0.30 32.44
CA ALA A 53 19.86 0.29 33.38
C ALA A 53 18.73 0.93 32.58
N GLU A 54 19.10 1.74 31.58
CA GLU A 54 18.12 2.41 30.72
C GLU A 54 17.33 1.37 29.95
N THR A 55 17.98 0.27 29.59
CA THR A 55 17.33 -0.79 28.86
C THR A 55 16.32 -1.48 29.78
N GLU A 56 16.74 -1.76 31.02
CA GLU A 56 15.85 -2.40 31.97
C GLU A 56 14.64 -1.50 32.17
N ARG A 57 14.91 -0.21 32.32
CA ARG A 57 13.86 0.78 32.49
C ARG A 57 12.90 0.67 31.31
N TYR A 58 13.41 0.91 30.10
CA TYR A 58 12.59 0.86 28.90
C TYR A 58 11.80 -0.44 28.85
N LEU A 59 12.52 -1.55 28.96
CA LEU A 59 11.88 -2.87 28.92
C LEU A 59 10.72 -2.92 29.90
N THR A 60 10.90 -2.30 31.05
CA THR A 60 9.87 -2.29 32.08
C THR A 60 8.68 -1.45 31.65
N SER A 61 8.94 -0.24 31.20
CA SER A 61 7.84 0.61 30.75
C SER A 61 7.06 -0.12 29.66
N CYS A 62 7.79 -0.78 28.76
CA CYS A 62 7.15 -1.51 27.67
C CYS A 62 6.35 -2.71 28.21
N ALA A 63 6.95 -3.40 29.18
CA ALA A 63 6.33 -4.55 29.80
C ALA A 63 5.06 -4.15 30.55
N ALA A 64 5.13 -3.02 31.26
CA ALA A 64 3.99 -2.51 32.02
C ALA A 64 2.86 -2.10 31.09
N ALA A 65 3.22 -1.52 29.95
CA ALA A 65 2.26 -1.06 28.95
C ALA A 65 1.00 -1.93 28.97
N PRO A 66 -0.18 -1.30 28.85
CA PRO A 66 -1.49 -1.95 28.85
C PRO A 66 -1.48 -3.45 28.64
N GLY A 67 -1.79 -3.90 27.43
CA GLY A 67 -1.82 -5.33 27.17
C GLY A 67 -0.52 -5.96 26.68
N ALA A 68 0.60 -5.25 26.82
CA ALA A 68 1.90 -5.76 26.38
C ALA A 68 2.13 -7.23 26.72
N ARG A 69 2.53 -8.00 25.72
CA ARG A 69 2.80 -9.42 25.89
C ARG A 69 4.12 -9.71 25.18
N LEU A 70 5.23 -9.52 25.88
CA LEU A 70 6.54 -9.77 25.28
C LEU A 70 7.24 -11.03 25.74
N TRP A 71 8.14 -11.52 24.90
CA TRP A 71 8.92 -12.71 25.22
C TRP A 71 10.37 -12.42 24.90
N THR A 72 11.27 -13.19 25.50
CA THR A 72 12.68 -13.03 25.22
C THR A 72 13.02 -14.28 24.44
N ILE A 73 13.85 -14.11 23.41
CA ILE A 73 14.24 -15.20 22.55
C ILE A 73 15.47 -15.92 23.06
N ARG A 74 15.30 -17.21 23.32
CA ARG A 74 16.40 -18.01 23.82
C ARG A 74 16.81 -19.01 22.78
N ALA A 75 18.10 -19.00 22.44
CA ALA A 75 18.65 -19.92 21.46
C ALA A 75 19.13 -21.14 22.24
N PRO A 76 19.27 -22.30 21.56
CA PRO A 76 19.72 -23.53 22.21
C PRO A 76 21.13 -23.43 22.80
N ASP A 77 21.97 -22.62 22.16
CA ASP A 77 23.34 -22.44 22.64
C ASP A 77 23.39 -21.50 23.84
N GLY A 78 22.21 -21.07 24.28
CA GLY A 78 22.11 -20.17 25.42
C GLY A 78 22.14 -18.69 25.08
N THR A 79 22.19 -18.35 23.80
CA THR A 79 22.22 -16.95 23.41
C THR A 79 20.84 -16.37 23.44
N VAL A 80 20.79 -15.07 23.66
CA VAL A 80 19.53 -14.34 23.68
C VAL A 80 19.62 -13.38 22.50
N PRO A 81 19.14 -13.83 21.32
CA PRO A 81 19.12 -13.08 20.06
C PRO A 81 18.44 -11.73 20.18
N GLY A 82 17.35 -11.72 20.94
CA GLY A 82 16.61 -10.49 21.13
C GLY A 82 15.25 -10.76 21.74
N MET A 83 14.29 -9.89 21.45
CA MET A 83 12.95 -10.03 21.98
C MET A 83 11.92 -10.01 20.88
N ALA A 84 10.69 -10.35 21.23
CA ALA A 84 9.58 -10.37 20.27
C ALA A 84 8.25 -10.55 21.00
N GLY A 85 7.25 -9.75 20.65
CA GLY A 85 5.97 -9.89 21.31
C GLY A 85 4.82 -9.10 20.72
N LEU A 86 3.88 -8.75 21.58
CA LEU A 86 2.70 -7.99 21.21
C LEU A 86 2.65 -6.70 22.02
N LEU A 87 2.72 -5.55 21.36
CA LEU A 87 2.70 -4.28 22.08
C LEU A 87 1.34 -4.00 22.71
N GLY A 88 1.37 -3.26 23.82
CA GLY A 88 0.14 -2.91 24.51
C GLY A 88 -0.10 -1.42 24.38
N GLY A 89 -1.37 -1.03 24.41
CA GLY A 89 -1.72 0.38 24.30
C GLY A 89 -2.22 0.79 22.91
N THR A 90 -2.62 -0.18 22.10
CA THR A 90 -3.13 0.13 20.76
C THR A 90 -4.64 -0.09 20.64
N ASP A 91 -5.07 -0.26 19.40
CA ASP A 91 -6.48 -0.48 19.08
C ASP A 91 -6.52 -1.75 18.24
N VAL A 92 -5.42 -1.98 17.55
CA VAL A 92 -5.26 -3.15 16.71
C VAL A 92 -4.01 -3.82 17.27
N PRO A 93 -4.10 -5.11 17.59
CA PRO A 93 -2.92 -5.81 18.13
C PRO A 93 -1.64 -5.46 17.39
N GLY A 94 -0.84 -4.57 17.97
CA GLY A 94 0.42 -4.18 17.38
C GLY A 94 1.40 -5.34 17.45
N LEU A 95 2.61 -5.15 16.95
CA LEU A 95 3.60 -6.24 16.98
C LEU A 95 5.03 -5.75 16.78
N THR A 96 5.96 -6.29 17.55
CA THR A 96 7.37 -5.92 17.42
C THR A 96 8.35 -7.04 17.71
N TRP A 97 9.60 -6.78 17.40
CA TRP A 97 10.68 -7.73 17.63
C TRP A 97 11.97 -6.94 17.42
N LEU A 98 13.08 -7.50 17.89
CA LEU A 98 14.37 -6.85 17.74
C LEU A 98 15.50 -7.83 18.04
N LEU A 99 16.46 -7.90 17.12
CA LEU A 99 17.60 -8.80 17.30
C LEU A 99 18.86 -7.98 17.39
N ARG A 100 19.91 -8.57 17.97
CA ARG A 100 21.18 -7.88 18.05
C ARG A 100 21.90 -8.25 16.75
N ARG A 101 22.66 -7.31 16.19
CA ARG A 101 23.38 -7.54 14.94
C ARG A 101 24.11 -8.88 14.87
N ASP A 102 24.58 -9.38 16.01
CA ASP A 102 25.30 -10.64 16.06
C ASP A 102 24.44 -11.87 15.75
N SER A 103 23.12 -11.73 15.93
CA SER A 103 22.21 -12.84 15.69
C SER A 103 21.46 -12.71 14.36
N TRP A 104 21.85 -11.70 13.58
CA TRP A 104 21.25 -11.42 12.29
C TRP A 104 21.55 -12.47 11.23
N GLY A 105 20.58 -12.72 10.37
CA GLY A 105 20.78 -13.68 9.31
C GLY A 105 20.64 -15.13 9.67
N HIS A 106 20.02 -15.45 10.80
CA HIS A 106 19.84 -16.85 11.15
C HIS A 106 18.36 -17.22 10.97
N GLY A 107 17.55 -16.23 10.61
CA GLY A 107 16.13 -16.49 10.44
C GLY A 107 15.47 -16.59 11.81
N TYR A 108 16.13 -16.00 12.79
CA TYR A 108 15.63 -16.01 14.16
C TYR A 108 14.38 -15.14 14.23
N ALA A 109 14.51 -13.92 13.72
CA ALA A 109 13.41 -12.96 13.73
C ALA A 109 12.18 -13.50 13.02
N THR A 110 12.40 -14.29 11.98
CA THR A 110 11.26 -14.85 11.27
C THR A 110 10.62 -15.91 12.17
N GLU A 111 11.45 -16.82 12.64
CA GLU A 111 10.98 -17.90 13.50
C GLU A 111 10.21 -17.38 14.70
N ALA A 112 10.78 -16.38 15.36
CA ALA A 112 10.22 -15.75 16.56
C ALA A 112 8.88 -15.10 16.29
N ALA A 113 8.89 -14.13 15.37
CA ALA A 113 7.69 -13.39 14.98
C ALA A 113 6.61 -14.33 14.46
N ALA A 114 7.05 -15.40 13.79
CA ALA A 114 6.11 -16.38 13.26
C ALA A 114 5.33 -16.96 14.42
N ALA A 115 6.08 -17.34 15.47
CA ALA A 115 5.50 -17.93 16.67
C ALA A 115 4.59 -16.97 17.42
N VAL A 116 5.02 -15.72 17.55
CA VAL A 116 4.18 -14.77 18.28
C VAL A 116 2.84 -14.61 17.56
N VAL A 117 2.89 -14.55 16.24
CA VAL A 117 1.70 -14.39 15.43
C VAL A 117 0.82 -15.61 15.44
N GLY A 118 1.42 -16.79 15.30
CA GLY A 118 0.67 -18.02 15.31
C GLY A 118 -0.09 -18.11 16.61
N HIS A 119 0.57 -17.70 17.68
CA HIS A 119 -0.02 -17.73 19.01
C HIS A 119 -1.18 -16.74 19.06
N ALA A 120 -0.88 -15.49 18.75
CA ALA A 120 -1.88 -14.44 18.80
C ALA A 120 -3.13 -14.73 17.98
N LEU A 121 -2.96 -15.20 16.75
CA LEU A 121 -4.11 -15.46 15.90
C LEU A 121 -4.85 -16.75 16.20
N GLU A 122 -4.16 -17.75 16.73
CA GLU A 122 -4.82 -19.00 17.03
C GLU A 122 -5.14 -19.13 18.50
N ASP A 123 -4.10 -19.27 19.31
CA ASP A 123 -4.24 -19.42 20.76
C ASP A 123 -4.80 -18.17 21.45
N GLY A 124 -4.28 -17.01 21.08
CA GLY A 124 -4.76 -15.77 21.67
C GLY A 124 -6.17 -15.41 21.19
N GLY A 125 -6.70 -16.18 20.24
CA GLY A 125 -8.03 -15.93 19.73
C GLY A 125 -8.15 -14.58 19.04
N LEU A 126 -7.06 -13.84 18.96
CA LEU A 126 -7.05 -12.53 18.33
C LEU A 126 -7.56 -12.61 16.90
N ASP A 127 -8.13 -11.50 16.43
CA ASP A 127 -8.69 -11.43 15.09
C ASP A 127 -7.62 -11.16 14.05
N ARG A 128 -6.91 -10.06 14.25
CA ARG A 128 -5.85 -9.66 13.35
C ARG A 128 -4.74 -9.01 14.17
N VAL A 129 -3.59 -8.82 13.54
CA VAL A 129 -2.44 -8.18 14.18
C VAL A 129 -1.73 -7.33 13.16
N GLU A 130 -1.24 -6.17 13.57
CA GLU A 130 -0.50 -5.31 12.65
C GLU A 130 0.97 -5.38 13.01
N ALA A 131 1.74 -4.49 12.40
CA ALA A 131 3.18 -4.39 12.61
C ALA A 131 3.62 -3.17 11.82
N TRP A 132 4.09 -2.14 12.53
CA TRP A 132 4.51 -0.92 11.88
C TRP A 132 6.02 -0.88 11.67
N ILE A 133 6.43 -0.91 10.41
CA ILE A 133 7.85 -0.89 10.08
C ILE A 133 8.16 0.29 9.20
N GLU A 134 9.26 0.97 9.49
CA GLU A 134 9.67 2.13 8.70
C GLU A 134 10.00 1.71 7.26
N ALA A 135 9.52 2.50 6.30
CA ALA A 135 9.73 2.23 4.88
C ALA A 135 11.09 1.65 4.50
N GLY A 136 12.17 2.27 4.97
CA GLY A 136 13.50 1.80 4.62
C GLY A 136 14.06 0.58 5.33
N ASN A 137 13.35 0.07 6.34
CA ASN A 137 13.81 -1.09 7.10
C ASN A 137 13.68 -2.36 6.23
N ARG A 138 14.64 -2.52 5.33
CA ARG A 138 14.66 -3.66 4.43
C ARG A 138 14.53 -5.02 5.10
N ARG A 139 15.39 -5.31 6.08
CA ARG A 139 15.32 -6.62 6.73
C ARG A 139 14.03 -6.89 7.51
N SER A 140 13.51 -5.88 8.20
CA SER A 140 12.28 -6.10 8.97
C SER A 140 11.13 -6.38 8.03
N LEU A 141 11.00 -5.60 6.95
CA LEU A 141 9.93 -5.82 6.00
C LEU A 141 10.07 -7.21 5.39
N ALA A 142 11.30 -7.61 5.16
CA ALA A 142 11.54 -8.94 4.60
C ALA A 142 10.99 -9.99 5.55
N VAL A 143 11.25 -9.81 6.85
CA VAL A 143 10.75 -10.76 7.82
C VAL A 143 9.24 -10.71 7.84
N ALA A 144 8.71 -9.50 7.79
CA ALA A 144 7.27 -9.29 7.80
C ALA A 144 6.63 -10.17 6.75
N ALA A 145 7.08 -9.98 5.51
CA ALA A 145 6.57 -10.74 4.38
C ALA A 145 6.73 -12.23 4.60
N ARG A 146 7.96 -12.63 4.95
CA ARG A 146 8.25 -14.04 5.19
C ARG A 146 7.31 -14.61 6.25
N VAL A 147 6.78 -13.75 7.12
CA VAL A 147 5.90 -14.24 8.17
C VAL A 147 4.43 -14.33 7.72
N GLY A 148 4.05 -13.49 6.77
CA GLY A 148 2.67 -13.56 6.30
C GLY A 148 1.97 -12.22 6.37
N LEU A 149 2.66 -11.22 6.93
CA LEU A 149 2.10 -9.88 7.03
C LEU A 149 2.19 -9.20 5.68
N THR A 150 1.13 -8.52 5.28
CA THR A 150 1.11 -7.82 4.01
C THR A 150 0.74 -6.37 4.23
N GLU A 151 1.42 -5.46 3.54
CA GLU A 151 1.15 -4.04 3.70
C GLU A 151 -0.34 -3.76 3.53
N ARG A 152 -0.86 -2.81 4.31
CA ARG A 152 -2.28 -2.45 4.24
C ARG A 152 -2.42 -0.93 4.14
N ALA A 153 -1.37 -0.22 4.49
CA ALA A 153 -1.37 1.25 4.44
C ALA A 153 0.01 1.79 4.78
N ARG A 154 0.15 3.11 4.73
CA ARG A 154 1.41 3.78 4.98
C ARG A 154 1.14 5.13 5.64
N LEU A 155 1.96 5.52 6.61
CA LEU A 155 1.76 6.82 7.24
C LEU A 155 3.05 7.61 7.36
N ALA A 156 2.89 8.92 7.50
CA ALA A 156 4.04 9.79 7.64
C ALA A 156 4.19 10.08 9.13
N GLN A 157 5.39 9.87 9.64
CA GLN A 157 5.62 10.10 11.06
C GLN A 157 6.87 10.91 11.26
N HIS A 158 7.06 11.36 12.50
CA HIS A 158 8.24 12.13 12.87
C HIS A 158 8.60 11.95 14.33
N TYR A 159 9.78 11.39 14.58
CA TYR A 159 10.26 11.16 15.94
C TYR A 159 11.05 12.38 16.40
N PRO A 160 10.75 12.90 17.61
CA PRO A 160 11.46 14.08 18.13
C PRO A 160 12.98 13.94 18.07
N HIS A 161 13.47 12.71 18.20
CA HIS A 161 14.91 12.47 18.17
C HIS A 161 15.48 12.40 16.77
N ARG A 162 14.69 12.81 15.78
CA ARG A 162 15.14 12.78 14.40
C ARG A 162 15.05 14.19 13.83
N PRO A 163 15.89 14.50 12.82
CA PRO A 163 15.88 15.83 12.20
C PRO A 163 14.75 15.95 11.16
N GLY A 164 14.49 14.87 10.45
CA GLY A 164 13.45 14.88 9.44
C GLY A 164 12.40 13.80 9.66
N PRO A 165 11.24 13.88 8.97
CA PRO A 165 10.18 12.88 9.12
C PRO A 165 10.51 11.60 8.39
N HIS A 166 9.56 10.67 8.38
CA HIS A 166 9.78 9.41 7.71
C HIS A 166 8.45 8.73 7.38
N GLU A 167 8.54 7.61 6.68
CA GLU A 167 7.38 6.84 6.27
C GLU A 167 7.31 5.56 7.07
N MET A 168 6.08 5.14 7.38
CA MET A 168 5.86 3.92 8.13
C MET A 168 4.88 3.03 7.40
N VAL A 169 5.30 1.80 7.12
CA VAL A 169 4.42 0.88 6.44
C VAL A 169 3.66 0.09 7.49
N VAL A 170 2.34 0.00 7.31
CA VAL A 170 1.48 -0.73 8.23
C VAL A 170 1.09 -2.07 7.62
N LEU A 171 1.81 -3.13 8.00
CA LEU A 171 1.52 -4.46 7.50
C LEU A 171 0.64 -5.18 8.52
N GLY A 172 -0.14 -6.16 8.07
CA GLY A 172 -1.01 -6.87 8.99
C GLY A 172 -1.42 -8.24 8.49
N LYS A 173 -2.13 -8.99 9.34
CA LYS A 173 -2.60 -10.33 9.00
C LYS A 173 -3.72 -10.77 9.92
N ALA A 174 -4.81 -11.27 9.33
CA ALA A 174 -5.96 -11.74 10.11
C ALA A 174 -5.98 -13.27 10.12
N ARG A 175 -6.87 -13.85 10.93
CA ARG A 175 -6.96 -15.31 11.02
C ARG A 175 -7.92 -15.85 9.96
N ALA A 176 -8.79 -14.98 9.46
CA ALA A 176 -9.75 -15.35 8.43
C ALA A 176 -10.03 -14.09 7.62
N GLU A 177 -9.33 -13.95 6.50
CA GLU A 177 -9.46 -12.77 5.65
C GLU A 177 -10.85 -12.55 5.08
N GLU A 178 -11.23 -11.28 5.01
CA GLU A 178 -12.52 -10.84 4.49
C GLU A 178 -12.55 -10.85 2.96
N PRO A 179 -13.56 -11.52 2.37
CA PRO A 179 -13.66 -11.58 0.91
C PRO A 179 -13.76 -10.18 0.33
N LEU A 180 -14.64 -9.38 0.91
CA LEU A 180 -14.86 -8.00 0.47
C LEU A 180 -14.00 -7.03 1.26
N THR A 181 -13.48 -6.03 0.56
CA THR A 181 -12.64 -5.01 1.17
C THR A 181 -12.70 -3.80 0.26
N THR A 182 -12.09 -2.70 0.67
CA THR A 182 -12.08 -1.49 -0.15
C THR A 182 -10.65 -1.07 -0.36
N LEU A 183 -10.31 -0.64 -1.58
CA LEU A 183 -8.93 -0.25 -1.87
C LEU A 183 -8.68 1.24 -1.95
N ALA A 184 -9.72 2.00 -2.28
CA ALA A 184 -9.52 3.43 -2.36
C ALA A 184 -10.83 4.18 -2.52
N VAL A 185 -10.76 5.47 -2.23
CA VAL A 185 -11.92 6.32 -2.35
C VAL A 185 -11.51 7.53 -3.17
N ILE A 186 -12.06 7.60 -4.38
CA ILE A 186 -11.77 8.72 -5.26
C ILE A 186 -13.02 9.56 -5.28
N THR A 187 -12.90 10.78 -4.78
CA THR A 187 -14.03 11.68 -4.72
C THR A 187 -14.06 12.62 -5.91
N GLU A 188 -15.24 13.10 -6.25
CA GLU A 188 -15.42 14.01 -7.37
C GLU A 188 -15.45 15.47 -6.95
N LEU A 189 -14.58 16.26 -7.54
CA LEU A 189 -14.51 17.68 -7.25
C LEU A 189 -15.15 18.45 -8.40
N PRO A 190 -16.39 18.91 -8.20
CA PRO A 190 -17.06 19.66 -9.27
C PRO A 190 -16.43 21.04 -9.45
N VAL A 191 -15.80 21.25 -10.61
CA VAL A 191 -15.16 22.52 -10.92
C VAL A 191 -15.66 23.05 -12.25
N ARG A 192 -15.33 24.31 -12.56
CA ARG A 192 -15.76 24.90 -13.82
C ARG A 192 -14.80 24.48 -14.92
N ASP A 193 -13.56 24.96 -14.85
CA ASP A 193 -12.58 24.60 -15.86
C ASP A 193 -11.69 23.45 -15.40
N VAL A 194 -12.09 22.24 -15.77
CA VAL A 194 -11.33 21.03 -15.43
C VAL A 194 -9.89 21.17 -15.89
N ALA A 195 -9.67 21.93 -16.95
CA ALA A 195 -8.33 22.12 -17.48
C ALA A 195 -7.43 22.85 -16.49
N ALA A 196 -7.74 24.13 -16.25
CA ALA A 196 -6.97 24.94 -15.33
C ALA A 196 -6.81 24.21 -14.00
N THR A 197 -7.93 23.73 -13.48
CA THR A 197 -7.94 23.01 -12.23
C THR A 197 -6.76 22.03 -12.25
N LEU A 198 -6.75 21.15 -13.24
CA LEU A 198 -5.68 20.16 -13.37
C LEU A 198 -4.31 20.83 -13.43
N ARG A 199 -4.22 21.93 -14.16
CA ARG A 199 -2.95 22.63 -14.29
C ARG A 199 -2.44 23.03 -12.92
N LEU A 200 -3.33 23.60 -12.12
CA LEU A 200 -3.02 24.04 -10.76
C LEU A 200 -2.60 22.85 -9.89
N VAL A 201 -3.53 21.90 -9.78
CA VAL A 201 -3.33 20.69 -8.99
C VAL A 201 -1.92 20.14 -9.16
N GLU A 202 -1.51 19.91 -10.40
CA GLU A 202 -0.20 19.37 -10.67
C GLU A 202 0.90 20.30 -10.16
N ALA A 203 0.60 21.59 -10.15
CA ALA A 203 1.56 22.59 -9.70
C ALA A 203 1.90 22.45 -8.22
N ALA A 204 0.91 22.73 -7.38
CA ALA A 204 1.05 22.70 -5.92
C ALA A 204 1.11 21.30 -5.33
N LEU A 205 0.18 20.45 -5.76
CA LEU A 205 0.10 19.08 -5.27
C LEU A 205 1.08 18.14 -5.96
N GLY A 206 1.75 18.64 -6.99
CA GLY A 206 2.69 17.80 -7.72
C GLY A 206 1.97 16.61 -8.34
N ALA A 207 0.68 16.79 -8.63
CA ALA A 207 -0.11 15.73 -9.23
C ALA A 207 0.20 15.67 -10.72
N ARG A 208 -0.44 14.73 -11.40
CA ARG A 208 -0.26 14.56 -12.83
C ARG A 208 -1.58 13.95 -13.27
N THR A 209 -2.16 14.44 -14.35
CA THR A 209 -3.44 13.91 -14.78
C THR A 209 -3.26 12.51 -15.36
N ALA A 210 -4.11 11.59 -14.91
CA ALA A 210 -4.07 10.21 -15.34
C ALA A 210 -4.86 10.05 -16.63
N PHE A 211 -6.02 10.70 -16.69
CA PHE A 211 -6.85 10.65 -17.88
C PHE A 211 -7.82 11.82 -17.96
N ALA A 212 -8.08 12.27 -19.17
CA ALA A 212 -9.00 13.38 -19.40
C ALA A 212 -9.99 12.94 -20.48
N ILE A 213 -11.25 13.33 -20.31
CA ILE A 213 -12.28 12.95 -21.26
C ILE A 213 -12.79 14.15 -22.04
N GLY A 214 -12.75 14.05 -23.36
CA GLY A 214 -13.20 15.11 -24.23
C GLY A 214 -12.14 16.19 -24.35
N ASP A 215 -12.01 16.81 -25.52
CA ASP A 215 -11.02 17.86 -25.68
C ASP A 215 -11.30 18.85 -24.56
N PRO A 216 -12.42 19.59 -24.63
CA PRO A 216 -12.64 20.53 -23.52
C PRO A 216 -12.85 19.63 -22.31
N PRO A 217 -11.91 19.62 -21.36
CA PRO A 217 -12.00 18.80 -20.16
C PRO A 217 -13.40 18.73 -19.58
N GLU A 218 -14.09 17.62 -19.84
CA GLU A 218 -15.44 17.42 -19.34
C GLU A 218 -15.36 16.68 -18.02
N PHE A 219 -14.32 15.87 -17.89
CA PHE A 219 -14.13 15.09 -16.68
C PHE A 219 -12.79 14.35 -16.70
N ALA A 220 -11.86 14.80 -15.85
CA ALA A 220 -10.55 14.17 -15.79
C ALA A 220 -10.30 13.48 -14.45
N GLU A 221 -9.10 12.93 -14.30
CA GLU A 221 -8.71 12.25 -13.08
C GLU A 221 -7.28 12.63 -12.77
N ALA A 222 -7.10 13.41 -11.70
CA ALA A 222 -5.76 13.85 -11.31
C ALA A 222 -5.20 12.91 -10.26
N ALA A 223 -4.08 12.27 -10.59
CA ALA A 223 -3.42 11.36 -9.67
C ALA A 223 -2.42 12.17 -8.85
N LEU A 224 -2.36 11.91 -7.55
CA LEU A 224 -1.44 12.63 -6.68
C LEU A 224 -0.12 11.90 -6.52
N THR A 225 -0.04 10.74 -7.16
CA THR A 225 1.16 9.92 -7.15
C THR A 225 1.58 9.71 -8.60
N PRO A 226 2.85 9.36 -8.83
CA PRO A 226 3.38 9.12 -10.17
C PRO A 226 3.14 7.69 -10.66
N TRP A 227 2.41 6.90 -9.89
CA TRP A 227 2.14 5.51 -10.23
C TRP A 227 0.73 5.28 -10.75
N SER A 228 0.49 4.09 -11.29
CA SER A 228 -0.80 3.72 -11.86
C SER A 228 -1.93 3.86 -10.86
N ALA A 229 -1.67 3.38 -9.65
CA ALA A 229 -2.64 3.43 -8.58
C ALA A 229 -2.07 4.21 -7.39
N GLY A 230 -2.96 4.74 -6.55
CA GLY A 230 -2.54 5.50 -5.40
C GLY A 230 -3.50 6.63 -5.14
N PRO A 231 -3.22 7.52 -4.18
CA PRO A 231 -4.14 8.62 -3.89
C PRO A 231 -4.43 9.46 -5.13
N ARG A 232 -5.67 9.89 -5.26
CA ARG A 232 -6.11 10.72 -6.38
C ARG A 232 -7.61 11.00 -6.33
N PHE A 233 -8.04 12.10 -6.95
CA PHE A 233 -9.46 12.43 -6.98
C PHE A 233 -9.94 12.68 -8.42
N ARG A 234 -11.23 12.97 -8.57
CA ARG A 234 -11.80 13.21 -9.89
C ARG A 234 -12.42 14.59 -10.05
N LEU A 235 -12.18 15.21 -11.20
CA LEU A 235 -12.71 16.54 -11.49
C LEU A 235 -13.85 16.43 -12.49
N ALA A 236 -14.99 17.00 -12.17
CA ALA A 236 -16.15 16.99 -13.05
C ALA A 236 -16.43 18.44 -13.41
N ALA A 237 -16.79 18.71 -14.66
CA ALA A 237 -17.06 20.08 -15.08
C ALA A 237 -18.52 20.44 -14.91
N VAL A 238 -18.78 21.68 -14.51
CA VAL A 238 -20.13 22.19 -14.31
C VAL A 238 -20.14 23.72 -14.33
N PRO A 239 -20.96 24.32 -15.21
CA PRO A 239 -21.04 25.79 -15.29
C PRO A 239 -22.17 26.22 -14.35
N GLY A 240 -22.19 27.48 -13.95
CA GLY A 240 -23.25 27.90 -13.06
C GLY A 240 -23.25 29.32 -12.52
N PRO A 241 -24.01 29.55 -11.42
CA PRO A 241 -24.19 30.83 -10.71
C PRO A 241 -23.08 31.01 -9.66
N GLY A 242 -23.35 30.49 -8.46
CA GLY A 242 -22.38 30.49 -7.37
C GLY A 242 -22.26 28.99 -7.20
N PRO A 243 -21.70 28.30 -8.23
CA PRO A 243 -21.43 26.88 -8.47
C PRO A 243 -21.35 25.77 -7.45
N VAL A 244 -20.67 25.92 -6.32
CA VAL A 244 -20.61 24.73 -5.50
C VAL A 244 -20.46 24.79 -3.99
N GLU A 245 -20.97 23.74 -3.35
CA GLU A 245 -20.86 23.57 -1.92
C GLU A 245 -19.44 23.03 -1.80
N PRO A 246 -18.51 23.84 -1.26
CA PRO A 246 -17.13 23.40 -1.12
C PRO A 246 -17.04 21.96 -0.63
N VAL A 247 -16.10 21.20 -1.16
CA VAL A 247 -15.91 19.82 -0.74
C VAL A 247 -14.67 19.80 0.14
N ARG A 248 -14.77 19.11 1.27
CA ARG A 248 -13.66 19.04 2.21
C ARG A 248 -12.79 17.82 1.96
N LEU A 249 -11.52 18.07 1.72
CA LEU A 249 -10.58 16.98 1.45
C LEU A 249 -9.33 17.04 2.31
N HIS A 250 -9.14 16.02 3.13
CA HIS A 250 -7.97 15.95 3.98
C HIS A 250 -6.88 15.23 3.21
N LEU A 251 -5.76 15.92 3.02
CA LEU A 251 -4.65 15.31 2.30
C LEU A 251 -3.47 15.00 3.18
N ASP A 252 -3.27 13.71 3.45
CA ASP A 252 -2.16 13.25 4.27
C ASP A 252 -0.93 13.09 3.38
N ALA A 253 0.01 14.00 3.55
CA ALA A 253 1.22 13.99 2.75
C ALA A 253 2.47 13.62 3.54
N ALA A 254 3.48 13.16 2.83
CA ALA A 254 4.75 12.79 3.43
C ALA A 254 5.69 13.92 3.09
N GLY A 255 6.67 14.18 3.95
CA GLY A 255 7.60 15.27 3.71
C GLY A 255 7.24 16.45 4.60
N THR A 256 8.15 17.43 4.68
CA THR A 256 7.94 18.62 5.52
C THR A 256 6.87 19.55 4.96
N ALA A 257 5.89 19.89 5.79
CA ALA A 257 4.81 20.76 5.38
C ALA A 257 5.34 22.12 4.90
N ASP A 258 6.38 22.61 5.55
CA ASP A 258 6.95 23.89 5.18
C ASP A 258 7.21 23.97 3.68
N SER A 259 7.78 22.91 3.13
CA SER A 259 8.07 22.87 1.71
C SER A 259 6.82 22.54 0.87
N LEU A 260 5.93 21.71 1.43
CA LEU A 260 4.70 21.38 0.72
C LEU A 260 3.98 22.69 0.46
N HIS A 261 4.03 23.54 1.49
CA HIS A 261 3.42 24.87 1.47
C HIS A 261 4.15 25.72 0.43
N ARG A 262 5.47 25.58 0.38
CA ARG A 262 6.29 26.33 -0.56
C ARG A 262 5.83 26.00 -1.99
N ARG A 263 5.52 24.73 -2.21
CA ARG A 263 5.07 24.26 -3.52
C ARG A 263 3.72 24.87 -3.86
N ALA A 264 2.75 24.69 -2.96
CA ALA A 264 1.41 25.21 -3.15
C ALA A 264 1.44 26.71 -3.40
N VAL A 265 2.32 27.40 -2.70
CA VAL A 265 2.43 28.84 -2.82
C VAL A 265 3.10 29.25 -4.13
N ASP A 266 4.21 28.62 -4.48
CA ASP A 266 4.90 28.94 -5.71
C ASP A 266 4.00 28.59 -6.90
N ALA A 267 3.07 27.68 -6.66
CA ALA A 267 2.12 27.26 -7.67
C ALA A 267 1.05 28.33 -7.71
N GLY A 268 1.25 29.37 -6.90
CA GLY A 268 0.29 30.45 -6.83
C GLY A 268 -1.10 29.96 -6.46
N ALA A 269 -1.19 29.22 -5.35
CA ALA A 269 -2.48 28.68 -4.91
C ALA A 269 -3.08 29.44 -3.73
N ARG A 270 -4.33 29.12 -3.44
CA ARG A 270 -5.06 29.74 -2.34
C ARG A 270 -4.80 29.01 -1.02
N VAL A 271 -3.86 29.51 -0.22
CA VAL A 271 -3.56 28.88 1.07
C VAL A 271 -3.90 29.81 2.22
N ASP A 272 -4.70 29.30 3.17
CA ASP A 272 -5.13 30.07 4.33
C ASP A 272 -3.97 30.59 5.20
N GLY A 273 -2.74 30.35 4.77
CA GLY A 273 -1.59 30.80 5.54
C GLY A 273 -0.56 29.70 5.69
N PRO A 274 0.61 29.99 6.26
CA PRO A 274 1.67 28.99 6.45
C PRO A 274 1.20 27.81 7.29
N PRO A 275 1.99 26.72 7.30
CA PRO A 275 1.60 25.54 8.08
C PRO A 275 1.52 25.84 9.57
N VAL A 276 0.48 25.33 10.23
CA VAL A 276 0.31 25.53 11.66
C VAL A 276 0.39 24.20 12.39
N ARG A 277 1.29 24.14 13.37
CA ARG A 277 1.44 22.93 14.14
C ARG A 277 0.18 22.74 14.98
N ARG A 278 -0.43 21.56 14.84
CA ARG A 278 -1.65 21.21 15.56
C ARG A 278 -1.25 20.53 16.87
N PRO A 279 -2.24 20.24 17.73
CA PRO A 279 -1.90 19.58 19.00
C PRO A 279 -1.54 18.12 18.78
N TRP A 280 -2.29 17.45 17.90
CA TRP A 280 -2.04 16.04 17.63
C TRP A 280 -0.77 15.81 16.81
N GLY A 281 0.28 16.56 17.13
CA GLY A 281 1.55 16.43 16.44
C GLY A 281 1.51 16.38 14.91
N ARG A 282 0.92 17.41 14.31
CA ARG A 282 0.83 17.49 12.85
C ARG A 282 0.71 18.95 12.43
N SER A 283 1.44 19.31 11.38
CA SER A 283 1.39 20.67 10.87
C SER A 283 0.65 20.65 9.54
N GLU A 284 -0.22 21.63 9.33
CA GLU A 284 -0.98 21.69 8.09
C GLU A 284 -1.37 23.09 7.64
N PHE A 285 -1.94 23.16 6.45
CA PHE A 285 -2.43 24.39 5.87
C PHE A 285 -3.54 23.95 4.96
N VAL A 286 -4.35 24.91 4.52
CA VAL A 286 -5.46 24.59 3.66
C VAL A 286 -5.40 25.36 2.36
N ILE A 287 -5.76 24.68 1.28
CA ILE A 287 -5.78 25.28 -0.04
C ILE A 287 -7.23 25.31 -0.49
N THR A 288 -7.76 26.50 -0.74
CA THR A 288 -9.13 26.63 -1.17
C THR A 288 -9.19 26.72 -2.69
N LEU A 289 -10.19 26.05 -3.27
CA LEU A 289 -10.40 26.04 -4.70
C LEU A 289 -11.35 27.18 -5.03
N PRO A 290 -11.10 27.88 -6.13
CA PRO A 290 -11.97 29.00 -6.52
C PRO A 290 -13.45 28.65 -6.40
N GLU A 291 -13.79 27.38 -6.63
CA GLU A 291 -15.17 26.91 -6.55
C GLU A 291 -15.65 26.82 -5.10
N GLY A 292 -14.71 26.66 -4.17
CA GLY A 292 -15.05 26.57 -2.77
C GLY A 292 -14.30 25.51 -1.99
N HIS A 293 -14.06 24.36 -2.62
CA HIS A 293 -13.36 23.23 -2.02
C HIS A 293 -12.06 23.54 -1.28
N GLU A 294 -11.97 23.05 -0.05
CA GLU A 294 -10.78 23.24 0.78
C GLU A 294 -10.00 21.93 0.89
N LEU A 295 -8.73 21.96 0.50
CA LEU A 295 -7.87 20.80 0.58
C LEU A 295 -6.80 21.05 1.62
N THR A 296 -7.07 20.65 2.85
CA THR A 296 -6.12 20.84 3.92
C THR A 296 -4.95 19.86 3.70
N VAL A 297 -3.74 20.33 3.93
CA VAL A 297 -2.57 19.49 3.72
C VAL A 297 -1.78 19.22 4.99
N SER A 298 -2.04 18.07 5.59
CA SER A 298 -1.38 17.66 6.84
C SER A 298 -0.09 16.88 6.60
N ALA A 299 0.91 17.14 7.43
CA ALA A 299 2.21 16.47 7.34
C ALA A 299 2.68 16.19 8.77
N PRO A 300 3.54 15.18 8.97
CA PRO A 300 4.01 14.89 10.33
C PRO A 300 4.73 16.11 10.90
N VAL A 301 5.38 16.86 10.02
CA VAL A 301 6.11 18.07 10.38
C VAL A 301 6.23 19.00 9.17
N HIS B 8 15.41 -1.52 -29.96
CA HIS B 8 16.62 -1.50 -29.09
C HIS B 8 17.65 -2.53 -29.53
N THR B 9 18.91 -2.22 -29.30
CA THR B 9 20.01 -3.11 -29.69
C THR B 9 20.80 -3.61 -28.50
N ALA B 10 20.86 -2.79 -27.46
CA ALA B 10 21.61 -3.11 -26.24
C ALA B 10 21.37 -4.47 -25.61
N HIS B 11 22.47 -5.10 -25.22
CA HIS B 11 22.45 -6.40 -24.55
C HIS B 11 22.76 -6.03 -23.10
N LEU B 12 22.22 -6.78 -22.16
CA LEU B 12 22.51 -6.50 -20.77
C LEU B 12 23.29 -7.69 -20.23
N ARG B 13 24.49 -7.44 -19.69
CA ARG B 13 25.29 -8.54 -19.16
C ARG B 13 25.37 -8.50 -17.64
N THR B 14 25.39 -9.67 -17.01
CA THR B 14 25.48 -9.79 -15.56
C THR B 14 26.45 -10.89 -15.20
N ALA B 15 26.68 -11.06 -13.90
CA ALA B 15 27.60 -12.08 -13.39
C ALA B 15 27.57 -13.35 -14.24
N ARG B 16 26.38 -13.93 -14.39
CA ARG B 16 26.24 -15.17 -15.14
C ARG B 16 25.21 -15.10 -16.26
N LEU B 17 24.86 -13.89 -16.72
CA LEU B 17 23.85 -13.81 -17.77
C LEU B 17 24.03 -12.77 -18.89
N GLU B 18 23.38 -13.07 -20.01
CA GLU B 18 23.38 -12.19 -21.17
C GLU B 18 21.93 -12.05 -21.59
N LEU B 19 21.44 -10.82 -21.62
CA LEU B 19 20.08 -10.53 -22.02
C LEU B 19 20.16 -9.92 -23.41
N THR B 20 19.73 -10.69 -24.39
CA THR B 20 19.76 -10.27 -25.78
C THR B 20 18.37 -9.84 -26.20
N PRO B 21 18.27 -8.75 -26.99
CA PRO B 21 16.95 -8.30 -27.43
C PRO B 21 16.09 -9.46 -27.92
N LEU B 22 14.81 -9.42 -27.60
CA LEU B 22 13.91 -10.50 -27.96
C LEU B 22 13.44 -10.59 -29.41
N ASP B 23 13.72 -11.74 -30.02
CA ASP B 23 13.31 -12.02 -31.40
C ASP B 23 12.25 -13.12 -31.28
N PRO B 24 10.96 -12.75 -31.42
CA PRO B 24 9.88 -13.73 -31.33
C PRO B 24 10.11 -14.99 -32.13
N ALA B 25 10.38 -14.82 -33.42
CA ALA B 25 10.61 -15.94 -34.31
C ALA B 25 11.69 -16.92 -33.81
N ALA B 26 12.91 -16.40 -33.65
CA ALA B 26 14.06 -17.19 -33.20
C ALA B 26 13.95 -17.78 -31.82
N ASP B 27 13.57 -16.94 -30.86
CA ASP B 27 13.49 -17.35 -29.48
C ASP B 27 12.23 -18.12 -29.07
N ALA B 28 11.12 -17.89 -29.77
CA ALA B 28 9.86 -18.57 -29.45
C ALA B 28 10.00 -20.06 -29.15
N ARG B 29 10.93 -20.74 -29.81
CA ARG B 29 11.12 -22.17 -29.59
C ARG B 29 11.46 -22.48 -28.13
N HIS B 30 12.44 -21.76 -27.60
CA HIS B 30 12.88 -21.94 -26.22
C HIS B 30 11.88 -21.33 -25.24
N LEU B 31 11.53 -20.08 -25.50
CA LEU B 31 10.58 -19.35 -24.66
C LEU B 31 9.25 -20.07 -24.50
N HIS B 32 8.95 -20.98 -25.43
CA HIS B 32 7.69 -21.70 -25.35
C HIS B 32 7.77 -22.72 -24.22
N HIS B 33 8.99 -22.96 -23.73
CA HIS B 33 9.19 -23.91 -22.66
C HIS B 33 8.68 -23.32 -21.34
N ALA B 34 8.31 -22.05 -21.39
CA ALA B 34 7.80 -21.37 -20.22
C ALA B 34 6.37 -20.95 -20.49
N TYR B 35 6.17 -20.26 -21.61
CA TYR B 35 4.85 -19.75 -21.99
C TYR B 35 3.84 -20.84 -22.31
N GLY B 36 4.31 -22.07 -22.50
CA GLY B 36 3.40 -23.15 -22.79
C GLY B 36 3.28 -24.08 -21.60
N ASP B 37 3.97 -23.74 -20.52
CA ASP B 37 3.94 -24.57 -19.32
C ASP B 37 2.83 -24.15 -18.38
N GLU B 38 1.86 -25.06 -18.18
CA GLU B 38 0.71 -24.80 -17.31
C GLU B 38 1.18 -24.23 -15.98
N GLU B 39 2.12 -24.90 -15.34
CA GLU B 39 2.63 -24.46 -14.04
C GLU B 39 3.16 -23.03 -14.05
N VAL B 40 4.21 -22.79 -14.83
CA VAL B 40 4.83 -21.47 -14.92
C VAL B 40 3.82 -20.34 -15.10
N MET B 41 2.76 -20.59 -15.87
CA MET B 41 1.77 -19.57 -16.11
C MET B 41 0.64 -19.57 -15.09
N ARG B 42 0.90 -20.18 -13.92
CA ARG B 42 -0.09 -20.24 -12.86
C ARG B 42 -0.52 -18.84 -12.50
N TRP B 43 0.36 -17.87 -12.71
CA TRP B 43 0.06 -16.49 -12.35
C TRP B 43 -0.21 -15.53 -13.51
N TRP B 44 0.06 -16.00 -14.73
CA TRP B 44 -0.13 -15.14 -15.89
C TRP B 44 -1.55 -14.65 -16.15
N THR B 45 -1.62 -13.55 -16.89
CA THR B 45 -2.87 -12.91 -17.25
C THR B 45 -3.73 -13.77 -18.17
N ARG B 46 -3.13 -14.78 -18.79
CA ARG B 46 -3.87 -15.69 -19.67
C ARG B 46 -3.26 -17.07 -19.53
N PRO B 47 -4.05 -18.11 -19.79
CA PRO B 47 -3.58 -19.49 -19.69
C PRO B 47 -2.30 -19.77 -20.48
N ALA B 48 -1.75 -20.97 -20.29
CA ALA B 48 -0.53 -21.38 -20.96
C ALA B 48 -0.74 -21.49 -22.46
N CYS B 49 0.16 -20.89 -23.23
CA CYS B 49 0.10 -20.89 -24.70
C CYS B 49 0.03 -22.30 -25.28
N ALA B 50 -0.78 -22.45 -26.32
CA ALA B 50 -0.95 -23.74 -26.98
C ALA B 50 0.26 -24.12 -27.82
N ASP B 51 0.58 -23.30 -28.83
CA ASP B 51 1.72 -23.55 -29.70
C ASP B 51 2.69 -22.39 -29.75
N PRO B 52 3.95 -22.68 -30.12
CA PRO B 52 5.00 -21.66 -30.22
C PRO B 52 4.57 -20.54 -31.15
N ALA B 53 3.58 -20.82 -31.99
CA ALA B 53 3.06 -19.82 -32.92
C ALA B 53 2.35 -18.81 -32.06
N GLU B 54 1.51 -19.32 -31.14
CA GLU B 54 0.78 -18.47 -30.22
C GLU B 54 1.80 -17.65 -29.43
N THR B 55 2.82 -18.33 -28.94
CA THR B 55 3.87 -17.68 -28.19
C THR B 55 4.52 -16.62 -29.09
N GLU B 56 4.96 -17.08 -30.27
CA GLU B 56 5.56 -16.22 -31.27
C GLU B 56 4.63 -15.03 -31.46
N ARG B 57 3.34 -15.33 -31.58
CA ARG B 57 2.31 -14.31 -31.76
C ARG B 57 2.28 -13.37 -30.54
N TYR B 58 2.13 -13.97 -29.37
CA TYR B 58 2.09 -13.20 -28.12
C TYR B 58 3.34 -12.36 -27.97
N LEU B 59 4.48 -13.03 -28.00
CA LEU B 59 5.76 -12.34 -27.87
C LEU B 59 5.76 -11.11 -28.77
N THR B 60 5.40 -11.30 -30.03
CA THR B 60 5.37 -10.19 -30.96
C THR B 60 4.40 -9.12 -30.50
N SER B 61 3.13 -9.50 -30.29
CA SER B 61 2.12 -8.53 -29.83
C SER B 61 2.66 -7.81 -28.61
N CYS B 62 3.49 -8.51 -27.84
CA CYS B 62 4.07 -7.94 -26.63
C CYS B 62 5.16 -6.93 -26.94
N ALA B 63 6.16 -7.35 -27.71
CA ALA B 63 7.25 -6.44 -28.07
C ALA B 63 6.70 -5.35 -29.00
N ALA B 64 5.60 -5.65 -29.66
CA ALA B 64 4.95 -4.73 -30.58
C ALA B 64 4.54 -3.41 -29.92
N ALA B 65 3.87 -3.52 -28.77
CA ALA B 65 3.42 -2.34 -28.03
C ALA B 65 4.49 -1.26 -27.95
N PRO B 66 4.07 0.02 -27.92
CA PRO B 66 4.92 1.21 -27.85
C PRO B 66 6.30 1.08 -27.18
N GLY B 67 6.30 1.21 -25.85
CA GLY B 67 7.55 1.14 -25.11
C GLY B 67 8.09 -0.24 -24.78
N ALA B 68 7.46 -1.28 -25.33
CA ALA B 68 7.93 -2.63 -25.09
C ALA B 68 9.43 -2.71 -25.36
N ARG B 69 10.15 -3.34 -24.43
CA ARG B 69 11.61 -3.51 -24.55
C ARG B 69 11.96 -4.78 -23.78
N LEU B 70 11.94 -5.93 -24.45
CA LEU B 70 12.24 -7.20 -23.80
C LEU B 70 13.51 -7.89 -24.27
N TRP B 71 14.03 -8.77 -23.41
CA TRP B 71 15.23 -9.52 -23.73
C TRP B 71 14.97 -10.97 -23.46
N THR B 72 15.90 -11.80 -23.89
CA THR B 72 15.80 -13.23 -23.67
C THR B 72 16.99 -13.55 -22.80
N ILE B 73 16.72 -14.22 -21.68
CA ILE B 73 17.77 -14.56 -20.74
C ILE B 73 18.59 -15.70 -21.30
N ARG B 74 19.88 -15.43 -21.51
CA ARG B 74 20.80 -16.42 -22.01
C ARG B 74 21.88 -16.67 -20.98
N ALA B 75 22.05 -17.93 -20.61
CA ALA B 75 23.05 -18.33 -19.64
C ALA B 75 24.29 -18.81 -20.41
N PRO B 76 25.42 -18.99 -19.70
CA PRO B 76 26.64 -19.43 -20.37
C PRO B 76 26.52 -20.85 -20.89
N ASP B 77 25.95 -21.72 -20.05
CA ASP B 77 25.76 -23.11 -20.40
C ASP B 77 24.67 -23.34 -21.43
N GLY B 78 24.74 -22.55 -22.51
CA GLY B 78 23.78 -22.68 -23.60
C GLY B 78 22.30 -22.46 -23.32
N THR B 79 21.84 -22.87 -22.15
CA THR B 79 20.44 -22.75 -21.79
C THR B 79 19.83 -21.36 -22.04
N VAL B 80 18.50 -21.33 -22.01
CA VAL B 80 17.73 -20.11 -22.19
C VAL B 80 16.62 -20.21 -21.16
N PRO B 81 16.91 -19.84 -19.91
CA PRO B 81 15.96 -19.87 -18.78
C PRO B 81 14.63 -19.18 -19.05
N GLY B 82 14.65 -18.12 -19.85
CA GLY B 82 13.42 -17.42 -20.13
C GLY B 82 13.68 -16.00 -20.55
N MET B 83 12.80 -15.09 -20.17
CA MET B 83 12.99 -13.71 -20.56
C MET B 83 12.66 -12.70 -19.47
N ALA B 84 13.00 -11.44 -19.72
CA ALA B 84 12.77 -10.37 -18.77
C ALA B 84 12.83 -9.05 -19.53
N GLY B 85 12.05 -8.08 -19.08
CA GLY B 85 12.05 -6.79 -19.75
C GLY B 85 10.94 -5.86 -19.34
N LEU B 86 10.82 -4.76 -20.07
CA LEU B 86 9.80 -3.76 -19.82
C LEU B 86 8.59 -3.96 -20.71
N LEU B 87 7.41 -4.10 -20.11
CA LEU B 87 6.20 -4.30 -20.89
C LEU B 87 5.69 -2.97 -21.34
N GLY B 88 4.47 -2.94 -21.85
CA GLY B 88 4.03 -1.66 -22.29
C GLY B 88 2.71 -1.47 -22.97
N GLY B 89 2.69 -0.25 -23.49
CA GLY B 89 1.53 0.29 -24.16
C GLY B 89 0.97 1.12 -23.03
N THR B 90 1.44 0.81 -21.82
CA THR B 90 1.02 1.48 -20.60
C THR B 90 1.61 2.87 -20.47
N ASP B 91 1.36 3.50 -19.34
CA ASP B 91 1.88 4.84 -19.09
C ASP B 91 3.21 4.74 -18.35
N VAL B 92 3.17 4.20 -17.15
CA VAL B 92 4.39 4.03 -16.38
C VAL B 92 4.97 2.70 -16.84
N PRO B 93 6.25 2.71 -17.25
CA PRO B 93 6.93 1.49 -17.71
C PRO B 93 6.78 0.30 -16.78
N GLY B 94 5.98 -0.67 -17.19
CA GLY B 94 5.80 -1.85 -16.37
C GLY B 94 7.03 -2.73 -16.55
N LEU B 95 7.19 -3.73 -15.70
CA LEU B 95 8.33 -4.63 -15.79
C LEU B 95 7.86 -6.06 -15.59
N THR B 96 8.61 -7.02 -16.14
CA THR B 96 8.23 -8.42 -16.00
C THR B 96 9.34 -9.40 -16.32
N TRP B 97 9.12 -10.66 -15.97
CA TRP B 97 10.07 -11.72 -16.24
C TRP B 97 9.37 -13.06 -16.16
N LEU B 98 10.04 -14.10 -16.65
CA LEU B 98 9.51 -15.46 -16.66
C LEU B 98 10.62 -16.46 -16.97
N LEU B 99 10.59 -17.60 -16.29
CA LEU B 99 11.60 -18.64 -16.49
C LEU B 99 10.94 -20.01 -16.50
N ARG B 100 11.51 -20.94 -17.26
CA ARG B 100 10.96 -22.29 -17.29
C ARG B 100 11.15 -22.80 -15.88
N ARG B 101 10.31 -23.73 -15.45
CA ARG B 101 10.40 -24.25 -14.09
C ARG B 101 11.81 -24.71 -13.70
N ASP B 102 12.54 -25.23 -14.67
CA ASP B 102 13.91 -25.71 -14.43
C ASP B 102 14.82 -24.64 -13.83
N SER B 103 15.00 -23.56 -14.58
CA SER B 103 15.88 -22.48 -14.18
C SER B 103 15.50 -21.75 -12.89
N TRP B 104 14.47 -22.23 -12.20
CA TRP B 104 14.03 -21.57 -10.98
C TRP B 104 15.03 -21.62 -9.85
N GLY B 105 14.92 -20.62 -8.98
CA GLY B 105 15.79 -20.53 -7.82
C GLY B 105 17.30 -20.50 -8.02
N HIS B 106 17.75 -20.18 -9.23
CA HIS B 106 19.18 -20.12 -9.48
C HIS B 106 19.65 -18.68 -9.46
N GLY B 107 18.76 -17.80 -8.99
CA GLY B 107 19.08 -16.40 -8.91
C GLY B 107 18.89 -15.69 -10.24
N TYR B 108 18.44 -16.44 -11.24
CA TYR B 108 18.26 -15.85 -12.56
C TYR B 108 17.27 -14.69 -12.50
N ALA B 109 16.05 -14.98 -12.06
CA ALA B 109 15.02 -13.95 -11.96
C ALA B 109 15.61 -12.73 -11.28
N THR B 110 16.13 -12.94 -10.07
CA THR B 110 16.73 -11.84 -9.32
C THR B 110 17.78 -11.12 -10.18
N GLU B 111 18.76 -11.88 -10.71
CA GLU B 111 19.80 -11.29 -11.54
C GLU B 111 19.21 -10.55 -12.73
N ALA B 112 18.37 -11.24 -13.49
CA ALA B 112 17.72 -10.65 -14.67
C ALA B 112 16.95 -9.40 -14.28
N ALA B 113 16.08 -9.54 -13.29
CA ALA B 113 15.27 -8.43 -12.78
C ALA B 113 16.19 -7.26 -12.45
N ALA B 114 17.21 -7.55 -11.65
CA ALA B 114 18.19 -6.54 -11.26
C ALA B 114 18.74 -5.81 -12.49
N ALA B 115 19.10 -6.57 -13.52
CA ALA B 115 19.66 -6.03 -14.76
C ALA B 115 18.70 -5.05 -15.42
N VAL B 116 17.54 -5.57 -15.82
CA VAL B 116 16.52 -4.76 -16.47
C VAL B 116 16.29 -3.44 -15.72
N VAL B 117 16.06 -3.56 -14.41
CA VAL B 117 15.82 -2.40 -13.56
C VAL B 117 16.98 -1.41 -13.63
N GLY B 118 18.18 -1.88 -13.31
CA GLY B 118 19.34 -1.01 -13.35
C GLY B 118 19.33 -0.23 -14.64
N HIS B 119 19.29 -0.96 -15.75
CA HIS B 119 19.27 -0.35 -17.06
C HIS B 119 18.14 0.67 -17.22
N ALA B 120 16.92 0.28 -16.90
CA ALA B 120 15.78 1.18 -17.03
C ALA B 120 16.01 2.54 -16.37
N LEU B 121 16.50 2.53 -15.13
CA LEU B 121 16.71 3.79 -14.43
C LEU B 121 17.95 4.51 -14.91
N GLU B 122 19.06 3.79 -15.01
CA GLU B 122 20.31 4.37 -15.45
C GLU B 122 20.33 4.75 -16.93
N ASP B 123 20.88 3.85 -17.75
CA ASP B 123 21.02 4.04 -19.19
C ASP B 123 19.71 4.14 -19.95
N GLY B 124 18.64 3.56 -19.40
CA GLY B 124 17.36 3.62 -20.05
C GLY B 124 16.84 5.05 -20.06
N GLY B 125 17.48 5.91 -19.27
CA GLY B 125 17.08 7.31 -19.19
C GLY B 125 15.70 7.51 -18.59
N LEU B 126 15.13 6.42 -18.05
CA LEU B 126 13.82 6.46 -17.44
C LEU B 126 13.82 7.09 -16.06
N ASP B 127 12.67 7.62 -15.65
CA ASP B 127 12.55 8.26 -14.35
C ASP B 127 12.13 7.28 -13.27
N ARG B 128 11.30 6.31 -13.65
CA ARG B 128 10.81 5.32 -12.71
C ARG B 128 10.34 4.06 -13.43
N VAL B 129 10.09 3.01 -12.65
CA VAL B 129 9.62 1.76 -13.21
C VAL B 129 8.70 1.04 -12.24
N GLU B 130 7.64 0.48 -12.79
CA GLU B 130 6.67 -0.24 -12.00
C GLU B 130 6.88 -1.72 -12.22
N ALA B 131 5.98 -2.51 -11.65
CA ALA B 131 5.98 -3.96 -11.76
C ALA B 131 4.71 -4.39 -11.06
N TRP B 132 3.82 -5.04 -11.81
CA TRP B 132 2.55 -5.48 -11.28
C TRP B 132 2.59 -6.95 -10.92
N ILE B 133 2.63 -7.26 -9.62
CA ILE B 133 2.67 -8.65 -9.20
C ILE B 133 1.43 -9.00 -8.40
N GLU B 134 0.81 -10.13 -8.74
CA GLU B 134 -0.38 -10.58 -8.04
C GLU B 134 -0.07 -10.69 -6.56
N ALA B 135 -1.05 -10.34 -5.72
CA ALA B 135 -0.89 -10.39 -4.28
C ALA B 135 -0.31 -11.71 -3.82
N GLY B 136 -1.00 -12.80 -4.13
CA GLY B 136 -0.51 -14.11 -3.71
C GLY B 136 0.88 -14.52 -4.17
N ASN B 137 1.39 -13.89 -5.22
CA ASN B 137 2.71 -14.22 -5.78
C ASN B 137 3.90 -13.91 -4.88
N ARG B 138 4.11 -14.76 -3.88
CA ARG B 138 5.20 -14.57 -2.92
C ARG B 138 6.57 -14.48 -3.58
N ARG B 139 6.94 -15.52 -4.32
CA ARG B 139 8.23 -15.59 -5.00
C ARG B 139 8.56 -14.34 -5.78
N SER B 140 7.66 -13.92 -6.66
CA SER B 140 7.87 -12.74 -7.48
C SER B 140 7.99 -11.49 -6.60
N LEU B 141 7.14 -11.42 -5.57
CA LEU B 141 7.16 -10.28 -4.67
C LEU B 141 8.51 -10.19 -3.96
N ALA B 142 9.12 -11.35 -3.73
CA ALA B 142 10.43 -11.40 -3.07
C ALA B 142 11.46 -10.78 -3.99
N VAL B 143 11.47 -11.23 -5.25
CA VAL B 143 12.39 -10.68 -6.23
C VAL B 143 12.18 -9.17 -6.35
N ALA B 144 10.95 -8.75 -6.56
CA ALA B 144 10.65 -7.31 -6.70
C ALA B 144 11.27 -6.50 -5.57
N ALA B 145 11.08 -6.99 -4.35
CA ALA B 145 11.60 -6.33 -3.16
C ALA B 145 13.12 -6.39 -3.15
N ARG B 146 13.62 -7.56 -3.53
CA ARG B 146 15.05 -7.82 -3.58
C ARG B 146 15.73 -6.87 -4.56
N VAL B 147 14.95 -6.37 -5.52
CA VAL B 147 15.44 -5.47 -6.56
C VAL B 147 15.19 -3.99 -6.26
N GLY B 148 14.67 -3.68 -5.08
CA GLY B 148 14.44 -2.29 -4.74
C GLY B 148 13.09 -1.74 -5.13
N LEU B 149 12.22 -2.62 -5.62
CA LEU B 149 10.88 -2.20 -6.02
C LEU B 149 9.97 -2.25 -4.81
N THR B 150 9.63 -1.08 -4.27
CA THR B 150 8.76 -1.03 -3.10
C THR B 150 7.30 -0.89 -3.53
N GLU B 151 6.38 -1.46 -2.74
CA GLU B 151 4.96 -1.40 -3.07
C GLU B 151 4.40 0.03 -2.91
N ARG B 152 3.61 0.46 -3.89
CA ARG B 152 3.02 1.81 -3.90
C ARG B 152 1.50 1.81 -3.85
N ALA B 153 0.88 0.83 -4.50
CA ALA B 153 -0.58 0.73 -4.50
C ALA B 153 -1.01 -0.71 -4.72
N ARG B 154 -2.32 -0.89 -4.79
CA ARG B 154 -2.92 -2.20 -4.99
C ARG B 154 -4.22 -1.99 -5.75
N LEU B 155 -4.71 -3.02 -6.44
CA LEU B 155 -5.96 -2.88 -7.15
C LEU B 155 -6.61 -4.24 -7.41
N ALA B 156 -7.94 -4.22 -7.51
CA ALA B 156 -8.70 -5.42 -7.77
C ALA B 156 -8.67 -5.70 -9.27
N GLN B 157 -8.64 -6.97 -9.63
CA GLN B 157 -8.60 -7.37 -11.03
C GLN B 157 -9.20 -8.74 -11.22
N HIS B 158 -9.49 -9.07 -12.47
CA HIS B 158 -10.04 -10.37 -12.80
C HIS B 158 -9.49 -10.86 -14.12
N TYR B 159 -9.06 -12.12 -14.16
CA TYR B 159 -8.54 -12.69 -15.39
C TYR B 159 -9.68 -13.54 -15.96
N PRO B 160 -9.93 -13.44 -17.27
CA PRO B 160 -11.01 -14.22 -17.89
C PRO B 160 -11.04 -15.70 -17.52
N HIS B 161 -9.87 -16.29 -17.35
CA HIS B 161 -9.78 -17.71 -17.01
C HIS B 161 -9.90 -18.01 -15.51
N ARG B 162 -10.05 -16.97 -14.70
CA ARG B 162 -10.15 -17.13 -13.25
C ARG B 162 -11.57 -17.23 -12.72
N PRO B 163 -11.77 -18.11 -11.72
CA PRO B 163 -13.08 -18.32 -11.09
C PRO B 163 -13.53 -17.10 -10.29
N GLY B 164 -12.56 -16.43 -9.66
CA GLY B 164 -12.88 -15.24 -8.88
C GLY B 164 -11.83 -14.16 -9.08
N PRO B 165 -12.14 -12.91 -8.72
CA PRO B 165 -11.19 -11.80 -8.86
C PRO B 165 -9.95 -11.95 -7.99
N HIS B 166 -9.07 -10.95 -8.03
CA HIS B 166 -7.84 -10.99 -7.27
C HIS B 166 -7.23 -9.63 -7.04
N GLU B 167 -6.16 -9.60 -6.26
CA GLU B 167 -5.49 -8.37 -5.94
C GLU B 167 -4.16 -8.26 -6.65
N MET B 168 -3.91 -7.07 -7.19
CA MET B 168 -2.66 -6.83 -7.91
C MET B 168 -1.83 -5.79 -7.19
N VAL B 169 -0.61 -6.15 -6.84
CA VAL B 169 0.27 -5.21 -6.17
C VAL B 169 1.05 -4.44 -7.22
N VAL B 170 1.18 -3.15 -6.97
CA VAL B 170 1.90 -2.28 -7.88
C VAL B 170 3.13 -1.76 -7.17
N LEU B 171 4.29 -2.36 -7.46
CA LEU B 171 5.53 -1.94 -6.85
C LEU B 171 6.18 -0.93 -7.79
N GLY B 172 7.10 -0.13 -7.27
CA GLY B 172 7.75 0.86 -8.09
C GLY B 172 9.13 1.15 -7.55
N LYS B 173 9.86 1.98 -8.28
CA LYS B 173 11.22 2.37 -7.90
C LYS B 173 11.69 3.45 -8.84
N ALA B 174 11.78 4.67 -8.34
CA ALA B 174 12.23 5.78 -9.17
C ALA B 174 13.74 5.89 -9.08
N ARG B 175 14.32 6.73 -9.94
CA ARG B 175 15.76 6.95 -9.94
C ARG B 175 16.04 7.82 -8.72
N ALA B 176 15.28 8.90 -8.62
CA ALA B 176 15.38 9.84 -7.52
C ALA B 176 14.05 9.86 -6.78
N GLU B 177 14.02 9.32 -5.57
CA GLU B 177 12.80 9.29 -4.79
C GLU B 177 12.33 10.68 -4.39
N GLU B 178 11.18 11.08 -4.94
CA GLU B 178 10.60 12.38 -4.64
C GLU B 178 10.55 12.59 -3.14
N PRO B 179 10.90 13.79 -2.66
CA PRO B 179 10.85 14.04 -1.21
C PRO B 179 9.43 14.19 -0.72
N LEU B 180 8.60 14.83 -1.54
CA LEU B 180 7.20 15.05 -1.20
C LEU B 180 6.30 14.07 -1.93
N THR B 181 5.20 13.72 -1.28
CA THR B 181 4.25 12.80 -1.86
C THR B 181 2.97 12.77 -1.03
N THR B 182 1.91 12.26 -1.63
CA THR B 182 0.64 12.17 -0.96
C THR B 182 0.36 10.73 -0.64
N LEU B 183 0.08 10.43 0.63
CA LEU B 183 -0.18 9.06 1.04
C LEU B 183 -1.65 8.71 1.08
N ALA B 184 -2.50 9.72 1.20
CA ALA B 184 -3.94 9.45 1.24
C ALA B 184 -4.82 10.68 1.13
N VAL B 185 -6.07 10.41 0.77
CA VAL B 185 -7.06 11.45 0.62
C VAL B 185 -8.29 11.04 1.39
N ILE B 186 -8.57 11.82 2.43
CA ILE B 186 -9.72 11.58 3.26
C ILE B 186 -10.70 12.68 2.98
N THR B 187 -11.87 12.30 2.49
CA THR B 187 -12.88 13.28 2.18
C THR B 187 -13.91 13.33 3.31
N GLU B 188 -14.39 14.53 3.60
CA GLU B 188 -15.37 14.76 4.64
C GLU B 188 -16.77 14.68 4.05
N LEU B 189 -17.72 14.15 4.82
CA LEU B 189 -19.08 14.03 4.35
C LEU B 189 -20.10 14.62 5.30
N PRO B 190 -20.72 15.76 4.92
CA PRO B 190 -21.72 16.42 5.76
C PRO B 190 -22.99 15.59 5.84
N VAL B 191 -23.30 15.09 7.03
CA VAL B 191 -24.52 14.29 7.20
C VAL B 191 -25.30 14.78 8.41
N ARG B 192 -26.60 14.50 8.42
CA ARG B 192 -27.46 14.91 9.52
C ARG B 192 -27.05 14.16 10.79
N ASP B 193 -27.31 12.86 10.80
CA ASP B 193 -26.99 12.02 11.96
C ASP B 193 -25.71 11.21 11.77
N VAL B 194 -24.60 11.78 12.21
CA VAL B 194 -23.31 11.10 12.09
C VAL B 194 -23.43 9.68 12.64
N ALA B 195 -24.06 9.55 13.79
CA ALA B 195 -24.24 8.24 14.42
C ALA B 195 -24.97 7.29 13.50
N ALA B 196 -26.19 7.68 13.11
CA ALA B 196 -27.01 6.88 12.23
C ALA B 196 -26.21 6.46 11.00
N THR B 197 -25.57 7.45 10.37
CA THR B 197 -24.76 7.19 9.20
C THR B 197 -23.70 6.12 9.50
N LEU B 198 -22.96 6.31 10.58
CA LEU B 198 -21.92 5.35 10.96
C LEU B 198 -22.48 3.93 11.02
N ARG B 199 -23.67 3.81 11.61
CA ARG B 199 -24.31 2.51 11.73
C ARG B 199 -24.55 1.92 10.34
N LEU B 200 -25.01 2.77 9.43
CA LEU B 200 -25.31 2.37 8.06
C LEU B 200 -24.08 1.83 7.33
N VAL B 201 -23.10 2.71 7.20
CA VAL B 201 -21.83 2.41 6.55
C VAL B 201 -21.19 1.16 7.13
N GLU B 202 -21.29 1.00 8.45
CA GLU B 202 -20.71 -0.15 9.12
C GLU B 202 -21.30 -1.45 8.59
N ALA B 203 -22.56 -1.38 8.17
CA ALA B 203 -23.26 -2.55 7.65
C ALA B 203 -23.18 -2.70 6.14
N ALA B 204 -23.45 -1.63 5.42
CA ALA B 204 -23.40 -1.69 3.96
C ALA B 204 -22.00 -1.98 3.44
N LEU B 205 -21.06 -1.13 3.80
CA LEU B 205 -19.69 -1.28 3.36
C LEU B 205 -18.84 -1.99 4.39
N GLY B 206 -19.49 -2.64 5.34
CA GLY B 206 -18.77 -3.34 6.39
C GLY B 206 -17.70 -2.42 6.97
N ALA B 207 -18.02 -1.13 7.09
CA ALA B 207 -17.08 -0.17 7.63
C ALA B 207 -17.01 -0.32 9.14
N ARG B 208 -16.40 0.68 9.78
CA ARG B 208 -16.26 0.70 11.22
C ARG B 208 -15.89 2.11 11.66
N THR B 209 -16.21 2.44 12.91
CA THR B 209 -15.90 3.77 13.42
C THR B 209 -14.45 3.84 13.89
N ALA B 210 -13.72 4.80 13.35
CA ALA B 210 -12.31 4.99 13.71
C ALA B 210 -12.25 5.92 14.91
N PHE B 211 -13.29 6.74 15.06
CA PHE B 211 -13.40 7.66 16.17
C PHE B 211 -14.64 8.53 16.03
N ALA B 212 -14.92 9.31 17.07
CA ALA B 212 -16.09 10.19 17.09
C ALA B 212 -15.91 11.27 18.14
N ILE B 213 -16.56 12.44 17.96
CA ILE B 213 -16.39 13.56 18.87
C ILE B 213 -17.70 13.92 19.57
N GLY B 214 -17.79 13.57 20.86
CA GLY B 214 -18.97 13.84 21.66
C GLY B 214 -20.17 12.96 21.35
N ASP B 215 -21.16 13.04 22.24
CA ASP B 215 -22.39 12.28 22.14
C ASP B 215 -23.58 13.25 22.29
N PRO B 216 -24.54 13.26 21.35
CA PRO B 216 -24.47 12.38 20.18
C PRO B 216 -23.26 12.77 19.36
N PRO B 217 -22.77 11.84 18.56
CA PRO B 217 -21.60 12.13 17.74
C PRO B 217 -21.78 13.34 16.85
N GLU B 218 -20.73 14.15 16.74
CA GLU B 218 -20.71 15.37 15.93
C GLU B 218 -19.70 15.27 14.80
N PHE B 219 -18.68 14.44 14.98
CA PHE B 219 -17.65 14.26 13.96
C PHE B 219 -16.92 12.94 14.13
N ALA B 220 -16.97 12.09 13.12
CA ALA B 220 -16.32 10.80 13.16
C ALA B 220 -15.44 10.55 11.94
N GLU B 221 -14.75 9.41 11.94
CA GLU B 221 -13.89 9.01 10.83
C GLU B 221 -14.27 7.57 10.53
N ALA B 222 -14.95 7.37 9.41
CA ALA B 222 -15.37 6.04 9.03
C ALA B 222 -14.25 5.33 8.27
N ALA B 223 -13.88 4.15 8.78
CA ALA B 223 -12.83 3.34 8.17
C ALA B 223 -13.48 2.19 7.41
N LEU B 224 -13.02 1.97 6.19
CA LEU B 224 -13.57 0.92 5.34
C LEU B 224 -12.70 -0.32 5.32
N THR B 225 -11.68 -0.34 6.20
CA THR B 225 -10.79 -1.48 6.35
C THR B 225 -10.50 -1.61 7.85
N PRO B 226 -10.34 -2.84 8.35
CA PRO B 226 -10.06 -3.06 9.78
C PRO B 226 -8.63 -2.75 10.22
N TRP B 227 -7.96 -1.85 9.52
CA TRP B 227 -6.57 -1.54 9.86
C TRP B 227 -6.39 -0.08 10.21
N SER B 228 -5.36 0.19 11.00
CA SER B 228 -5.05 1.53 11.47
C SER B 228 -5.23 2.60 10.41
N ALA B 229 -4.55 2.45 9.28
CA ALA B 229 -4.67 3.43 8.22
C ALA B 229 -5.25 2.76 6.98
N GLY B 230 -5.81 3.57 6.09
CA GLY B 230 -6.39 3.02 4.87
C GLY B 230 -7.64 3.74 4.40
N PRO B 231 -8.30 3.19 3.37
CA PRO B 231 -9.53 3.79 2.83
C PRO B 231 -10.52 4.13 3.93
N ARG B 232 -10.78 5.43 4.08
CA ARG B 232 -11.69 5.90 5.11
C ARG B 232 -12.03 7.36 4.86
N PHE B 233 -13.20 7.80 5.32
CA PHE B 233 -13.60 9.19 5.15
C PHE B 233 -14.24 9.73 6.43
N ARG B 234 -14.15 11.05 6.61
CA ARG B 234 -14.70 11.73 7.77
C ARG B 234 -16.20 11.99 7.65
N LEU B 235 -16.86 12.06 8.81
CA LEU B 235 -18.28 12.32 8.86
C LEU B 235 -18.52 13.53 9.74
N ALA B 236 -18.88 14.65 9.13
CA ALA B 236 -19.15 15.87 9.86
C ALA B 236 -20.67 16.07 9.93
N ALA B 237 -21.14 16.57 11.07
CA ALA B 237 -22.57 16.79 11.28
C ALA B 237 -22.99 18.18 10.83
N VAL B 238 -24.26 18.31 10.46
CA VAL B 238 -24.82 19.57 10.01
C VAL B 238 -26.25 19.70 10.49
N PRO B 239 -26.70 20.94 10.78
CA PRO B 239 -28.06 21.21 11.25
C PRO B 239 -29.15 21.11 10.18
N GLY B 240 -29.14 22.05 9.25
CA GLY B 240 -30.15 22.06 8.18
C GLY B 240 -30.41 23.48 7.70
N PRO B 241 -31.62 23.82 7.26
CA PRO B 241 -32.89 23.08 7.10
C PRO B 241 -32.86 21.75 6.32
N GLY B 242 -31.79 21.50 5.59
CA GLY B 242 -31.70 20.25 4.85
C GLY B 242 -31.44 20.24 3.34
N PRO B 243 -31.10 21.38 2.71
CA PRO B 243 -30.86 21.30 1.25
C PRO B 243 -29.77 20.29 0.89
N VAL B 244 -28.65 20.37 1.61
CA VAL B 244 -27.49 19.48 1.44
C VAL B 244 -27.09 19.19 0.00
N GLU B 245 -25.91 19.66 -0.38
CA GLU B 245 -25.38 19.43 -1.73
C GLU B 245 -24.67 18.08 -1.76
N PRO B 246 -25.16 17.13 -2.57
CA PRO B 246 -24.55 15.80 -2.67
C PRO B 246 -23.05 15.76 -3.00
N VAL B 247 -22.43 14.65 -2.63
CA VAL B 247 -21.01 14.42 -2.89
C VAL B 247 -20.91 13.09 -3.64
N ARG B 248 -20.13 13.08 -4.72
CA ARG B 248 -19.96 11.88 -5.53
C ARG B 248 -18.68 11.14 -5.13
N LEU B 249 -18.84 9.86 -4.76
CA LEU B 249 -17.71 9.05 -4.33
C LEU B 249 -17.53 7.76 -5.11
N HIS B 250 -16.31 7.55 -5.59
CA HIS B 250 -15.98 6.34 -6.33
C HIS B 250 -15.28 5.39 -5.37
N LEU B 251 -15.86 4.21 -5.20
CA LEU B 251 -15.30 3.21 -4.30
C LEU B 251 -14.73 2.02 -5.06
N ASP B 252 -13.42 1.87 -5.03
CA ASP B 252 -12.77 0.74 -5.67
C ASP B 252 -12.73 -0.37 -4.64
N ALA B 253 -13.54 -1.40 -4.86
CA ALA B 253 -13.62 -2.50 -3.93
C ALA B 253 -12.96 -3.75 -4.49
N ALA B 254 -12.71 -4.71 -3.61
CA ALA B 254 -12.13 -5.98 -3.99
C ALA B 254 -13.31 -6.93 -3.95
N GLY B 255 -13.16 -8.14 -4.48
CA GLY B 255 -14.27 -9.07 -4.46
C GLY B 255 -15.29 -8.78 -5.54
N THR B 256 -16.41 -9.51 -5.51
CA THR B 256 -17.47 -9.37 -6.51
C THR B 256 -18.49 -8.28 -6.22
N ALA B 257 -18.95 -7.64 -7.28
CA ALA B 257 -19.95 -6.58 -7.17
C ALA B 257 -21.29 -7.12 -6.69
N ASP B 258 -21.60 -8.36 -7.07
CA ASP B 258 -22.87 -8.95 -6.68
C ASP B 258 -22.96 -9.17 -5.15
N SER B 259 -21.87 -9.64 -4.55
CA SER B 259 -21.87 -9.89 -3.12
C SER B 259 -21.66 -8.60 -2.33
N LEU B 260 -21.06 -7.61 -2.98
CA LEU B 260 -20.83 -6.30 -2.35
C LEU B 260 -22.20 -5.63 -2.30
N HIS B 261 -22.89 -5.73 -3.43
CA HIS B 261 -24.22 -5.17 -3.60
C HIS B 261 -25.21 -5.91 -2.70
N ARG B 262 -25.03 -7.23 -2.59
CA ARG B 262 -25.89 -8.05 -1.75
C ARG B 262 -25.80 -7.53 -0.32
N ARG B 263 -24.60 -7.12 0.07
CA ARG B 263 -24.33 -6.60 1.40
C ARG B 263 -24.98 -5.24 1.63
N ALA B 264 -24.87 -4.36 0.64
CA ALA B 264 -25.45 -3.02 0.73
C ALA B 264 -26.95 -3.12 0.90
N VAL B 265 -27.56 -3.96 0.07
CA VAL B 265 -29.00 -4.15 0.12
C VAL B 265 -29.44 -4.78 1.44
N ASP B 266 -28.82 -5.91 1.79
CA ASP B 266 -29.13 -6.59 3.04
C ASP B 266 -28.85 -5.70 4.23
N ALA B 267 -28.45 -4.47 3.97
CA ALA B 267 -28.15 -3.52 5.03
C ALA B 267 -29.08 -2.31 4.88
N GLY B 268 -30.19 -2.53 4.17
CA GLY B 268 -31.15 -1.47 3.95
C GLY B 268 -30.56 -0.21 3.36
N ALA B 269 -29.64 -0.37 2.41
CA ALA B 269 -28.98 0.76 1.77
C ALA B 269 -29.74 1.24 0.53
N ARG B 270 -29.70 2.54 0.29
CA ARG B 270 -30.36 3.13 -0.87
C ARG B 270 -29.55 2.79 -2.11
N VAL B 271 -29.74 1.57 -2.62
CA VAL B 271 -29.01 1.12 -3.79
C VAL B 271 -29.63 1.54 -5.12
N ASP B 272 -28.75 1.89 -6.04
CA ASP B 272 -29.06 2.31 -7.39
C ASP B 272 -29.84 1.22 -8.14
N GLY B 273 -29.36 -0.02 -7.99
CA GLY B 273 -30.00 -1.16 -8.63
C GLY B 273 -29.01 -2.29 -8.59
N PRO B 274 -29.15 -3.31 -9.45
CA PRO B 274 -28.17 -4.40 -9.40
C PRO B 274 -26.91 -3.89 -10.09
N PRO B 275 -25.76 -4.53 -9.82
CA PRO B 275 -24.54 -4.07 -10.48
C PRO B 275 -24.62 -4.16 -12.00
N VAL B 276 -24.10 -3.15 -12.69
CA VAL B 276 -24.09 -3.11 -14.16
C VAL B 276 -22.67 -3.02 -14.73
N ARG B 277 -22.37 -3.88 -15.70
CA ARG B 277 -21.05 -3.90 -16.33
C ARG B 277 -20.76 -2.61 -17.11
N ARG B 278 -19.49 -2.29 -17.27
CA ARG B 278 -19.12 -1.06 -17.97
C ARG B 278 -17.97 -1.25 -18.96
N PRO B 279 -17.89 -0.37 -19.97
CA PRO B 279 -16.87 -0.40 -21.01
C PRO B 279 -15.47 -0.48 -20.43
N TRP B 280 -15.25 0.24 -19.33
CA TRP B 280 -13.94 0.23 -18.71
C TRP B 280 -13.71 -1.04 -17.91
N GLY B 281 -14.53 -2.04 -18.16
CA GLY B 281 -14.40 -3.33 -17.48
C GLY B 281 -14.52 -3.32 -15.97
N ARG B 282 -15.66 -2.84 -15.47
CA ARG B 282 -15.92 -2.78 -14.04
C ARG B 282 -17.42 -2.81 -13.84
N SER B 283 -17.90 -3.70 -12.97
CA SER B 283 -19.34 -3.79 -12.70
C SER B 283 -19.65 -2.90 -11.49
N GLU B 284 -20.33 -1.80 -11.73
CA GLU B 284 -20.66 -0.87 -10.65
C GLU B 284 -22.14 -0.83 -10.23
N PHE B 285 -22.36 -0.22 -9.07
CA PHE B 285 -23.70 -0.03 -8.51
C PHE B 285 -23.57 1.11 -7.53
N VAL B 286 -24.62 1.90 -7.39
CA VAL B 286 -24.56 3.07 -6.52
C VAL B 286 -25.34 2.99 -5.21
N ILE B 287 -24.91 3.80 -4.26
CA ILE B 287 -25.57 3.87 -2.97
C ILE B 287 -25.75 5.35 -2.71
N THR B 288 -26.95 5.74 -2.33
CA THR B 288 -27.23 7.14 -2.05
C THR B 288 -27.65 7.33 -0.60
N LEU B 289 -27.04 8.31 0.06
CA LEU B 289 -27.36 8.61 1.44
C LEU B 289 -28.36 9.74 1.48
N PRO B 290 -29.40 9.61 2.32
CA PRO B 290 -30.47 10.59 2.50
C PRO B 290 -30.09 12.05 2.23
N GLU B 291 -28.91 12.47 2.66
CA GLU B 291 -28.49 13.86 2.44
C GLU B 291 -28.27 14.19 0.97
N GLY B 292 -28.22 13.16 0.13
CA GLY B 292 -28.02 13.37 -1.28
C GLY B 292 -26.76 12.74 -1.88
N HIS B 293 -25.75 12.53 -1.05
CA HIS B 293 -24.51 11.93 -1.51
C HIS B 293 -24.73 10.54 -2.09
N GLU B 294 -23.96 10.22 -3.12
CA GLU B 294 -24.05 8.92 -3.76
C GLU B 294 -22.65 8.40 -3.97
N LEU B 295 -22.44 7.12 -3.64
CA LEU B 295 -21.15 6.52 -3.79
C LEU B 295 -21.26 5.26 -4.60
N THR B 296 -20.74 5.33 -5.82
CA THR B 296 -20.78 4.20 -6.72
C THR B 296 -19.71 3.21 -6.31
N VAL B 297 -20.13 1.99 -6.02
CA VAL B 297 -19.21 0.95 -5.60
C VAL B 297 -18.81 0.14 -6.84
N SER B 298 -17.51 0.13 -7.13
CA SER B 298 -17.01 -0.57 -8.31
C SER B 298 -16.03 -1.74 -8.05
N ALA B 299 -16.43 -2.93 -8.50
CA ALA B 299 -15.62 -4.13 -8.33
C ALA B 299 -15.07 -4.63 -9.67
N PRO B 300 -14.02 -5.48 -9.63
CA PRO B 300 -13.45 -6.01 -10.89
C PRO B 300 -14.45 -6.88 -11.63
N VAL B 301 -15.33 -7.51 -10.87
CA VAL B 301 -16.36 -8.39 -11.43
C VAL B 301 -17.62 -8.35 -10.58
S SO4 C . 16.94 -12.84 10.48
O1 SO4 C . 17.48 -13.79 9.49
O2 SO4 C . 17.60 -11.53 10.29
O3 SO4 C . 17.23 -13.35 11.84
O4 SO4 C . 15.48 -12.70 10.26
S SO4 D . 21.62 -21.96 13.52
O1 SO4 D . 23.10 -21.99 13.57
O2 SO4 D . 21.09 -21.53 14.83
O3 SO4 D . 21.12 -23.32 13.21
O4 SO4 D . 21.17 -21.02 12.49
S SO4 E . 10.77 6.63 26.89
O1 SO4 E . 10.33 5.67 27.93
O2 SO4 E . 9.61 7.44 26.48
O3 SO4 E . 11.31 5.88 25.74
O4 SO4 E . 11.81 7.52 27.44
S SO4 F . 15.41 -16.87 -8.69
O1 SO4 F . 16.05 -17.38 -7.48
O2 SO4 F . 13.99 -17.29 -8.71
O3 SO4 F . 16.08 -17.45 -9.88
O4 SO4 F . 15.53 -15.41 -8.69
#